data_5VSK
#
_entry.id   5VSK
#
_cell.length_a   72.390
_cell.length_b   69.630
_cell.length_c   77.970
_cell.angle_alpha   90.000
_cell.angle_beta   99.160
_cell.angle_gamma   90.000
#
_symmetry.space_group_name_H-M   'P 1 21 1'
#
loop_
_entity.id
_entity.type
_entity.pdbx_description
1 polymer 'Ubiquitin carboxyl-terminal hydrolase 7'
2 non-polymer 7-chloro-3-({4-hydroxy-1-[(3S)-3-phenylbutanoyl]piperidin-4-yl}methyl)quinazolin-4(3H)-one
3 non-polymer 'ZINC ION'
4 water water
#
_entity_poly.entity_id   1
_entity_poly.type   'polypeptide(L)'
_entity_poly.pdbx_seq_one_letter_code
;KKHTGYVGLKNQGATCYMNSLLQTLFFTNQLRKAVYMMPTEGDDSSKSVPLALQRVFYELQHSDKPVGTKKLTKSFGWET
LDSFMQHDVQELCRVLLDNVENKMKGTCVEGTIPKLFRGKMVSYIQCKEVDYRSDRREDYYDIQLSIKGKKNIFESFVDY
VAVEQLDGDNKYDAGEHGLQEAEKGVKFLTLPPVLHLQLMRFMYDPQTDQNIKINDRFEFPEQLPLDEFLQKTDPKDPAN
YILHAVLVHSGDNHGGHYVVYLNPKGDGKWCKFDDDVVSRCTKEEAIEHNYGGHDDDLSVRHCTNAYMLVYIRESKLSEV
LQAVTDHDIPQQLVERLQEEKRIEAQKRKERQE
;
_entity_poly.pdbx_strand_id   A,B
#
# COMPACT_ATOMS: atom_id res chain seq x y z
N LYS A 1 5.76 -20.22 17.53
CA LYS A 1 6.28 -19.24 18.49
C LYS A 1 7.79 -19.07 18.33
N LYS A 2 8.49 -20.19 18.21
CA LYS A 2 9.94 -20.18 18.06
C LYS A 2 10.36 -20.98 16.84
N HIS A 3 9.61 -22.05 16.55
CA HIS A 3 9.93 -22.88 15.39
C HIS A 3 9.54 -22.21 14.08
N THR A 4 8.53 -21.35 14.10
CA THR A 4 8.08 -20.66 12.90
C THR A 4 8.16 -19.15 12.98
N GLY A 5 8.32 -18.58 14.18
CA GLY A 5 8.26 -17.14 14.35
C GLY A 5 6.87 -16.59 14.49
N TYR A 6 5.84 -17.44 14.47
CA TYR A 6 4.46 -17.03 14.64
C TYR A 6 3.88 -17.68 15.88
N VAL A 7 3.01 -16.95 16.57
CA VAL A 7 2.41 -17.41 17.82
C VAL A 7 0.92 -17.61 17.58
N GLY A 8 0.41 -18.78 17.97
CA GLY A 8 -1.00 -19.09 17.82
C GLY A 8 -1.83 -18.56 18.98
N LEU A 9 -3.10 -18.95 18.96
CA LEU A 9 -4.05 -18.57 19.99
C LEU A 9 -4.54 -19.81 20.73
N LYS A 10 -4.72 -19.67 22.04
CA LYS A 10 -5.18 -20.77 22.86
C LYS A 10 -6.70 -20.90 22.78
N ASN A 11 -7.19 -22.12 22.56
CA ASN A 11 -8.62 -22.35 22.49
C ASN A 11 -9.18 -22.29 23.91
N GLN A 12 -9.81 -21.17 24.25
CA GLN A 12 -10.37 -20.98 25.57
C GLN A 12 -11.79 -21.52 25.70
N GLY A 13 -12.39 -21.93 24.59
CA GLY A 13 -13.73 -22.48 24.63
C GLY A 13 -14.13 -23.01 23.27
N ALA A 14 -15.44 -23.19 23.11
CA ALA A 14 -16.00 -23.66 21.84
C ALA A 14 -16.23 -22.46 20.91
N THR A 15 -15.12 -21.90 20.44
CA THR A 15 -15.18 -20.75 19.54
C THR A 15 -15.16 -21.15 18.07
N CYS A 16 -15.00 -22.44 17.76
CA CYS A 16 -15.06 -22.91 16.39
C CYS A 16 -14.14 -22.12 15.48
N TYR A 17 -14.72 -21.49 14.46
CA TYR A 17 -13.99 -20.81 13.41
C TYR A 17 -13.35 -19.49 13.85
N MET A 18 -13.62 -19.02 15.07
CA MET A 18 -13.15 -17.70 15.46
C MET A 18 -11.63 -17.60 15.36
N ASN A 19 -10.91 -18.51 16.02
CA ASN A 19 -9.46 -18.45 16.02
C ASN A 19 -8.90 -18.50 14.60
N SER A 20 -9.54 -19.27 13.73
CA SER A 20 -9.07 -19.36 12.35
C SER A 20 -9.20 -18.02 11.64
N LEU A 21 -10.32 -17.32 11.84
CA LEU A 21 -10.52 -16.04 11.17
C LEU A 21 -9.55 -15.00 11.67
N LEU A 22 -9.29 -14.96 12.98
CA LEU A 22 -8.42 -13.93 13.54
C LEU A 22 -7.04 -13.96 12.90
N GLN A 23 -6.44 -15.16 12.80
CA GLN A 23 -5.13 -15.27 12.17
C GLN A 23 -5.17 -14.74 10.73
N THR A 24 -6.27 -14.99 10.02
CA THR A 24 -6.38 -14.51 8.65
C THR A 24 -6.39 -12.99 8.60
N LEU A 25 -7.18 -12.36 9.46
CA LEU A 25 -7.22 -10.91 9.49
C LEU A 25 -5.89 -10.33 9.96
N PHE A 26 -5.25 -11.00 10.93
CA PHE A 26 -3.99 -10.49 11.46
C PHE A 26 -2.92 -10.44 10.39
N PHE A 27 -2.89 -11.44 9.50
CA PHE A 27 -1.89 -11.47 8.45
C PHE A 27 -2.30 -10.64 7.24
N THR A 28 -3.43 -9.95 7.31
CA THR A 28 -3.79 -8.94 6.31
C THR A 28 -3.15 -7.62 6.77
N ASN A 29 -1.87 -7.48 6.44
CA ASN A 29 -1.06 -6.40 7.00
C ASN A 29 -1.71 -5.04 6.78
N GLN A 30 -2.15 -4.77 5.55
CA GLN A 30 -2.76 -3.49 5.26
C GLN A 30 -3.94 -3.22 6.19
N LEU A 31 -4.74 -4.25 6.47
CA LEU A 31 -5.82 -4.12 7.44
C LEU A 31 -5.29 -4.00 8.86
N ARG A 32 -4.19 -4.70 9.16
CA ARG A 32 -3.66 -4.71 10.52
C ARG A 32 -3.22 -3.31 10.95
N LYS A 33 -2.43 -2.62 10.11
CA LYS A 33 -1.97 -1.28 10.48
C LYS A 33 -3.14 -0.33 10.65
N ALA A 34 -4.20 -0.49 9.85
CA ALA A 34 -5.36 0.40 9.98
C ALA A 34 -5.98 0.29 11.37
N VAL A 35 -6.02 -0.93 11.94
CA VAL A 35 -6.62 -1.10 13.26
C VAL A 35 -5.73 -0.53 14.35
N TYR A 36 -4.41 -0.49 14.12
CA TYR A 36 -3.51 0.06 15.12
C TYR A 36 -3.68 1.57 15.26
N MET A 37 -4.07 2.25 14.19
CA MET A 37 -4.26 3.69 14.20
C MET A 37 -5.69 4.10 14.56
N MET A 38 -6.52 3.16 14.97
CA MET A 38 -7.88 3.48 15.36
C MET A 38 -7.86 4.31 16.65
N PRO A 39 -8.63 5.38 16.74
CA PRO A 39 -8.67 6.16 17.99
C PRO A 39 -9.46 5.45 19.08
N THR A 40 -8.80 4.57 19.83
CA THR A 40 -9.43 3.80 20.89
C THR A 40 -8.92 4.23 22.26
N GLU A 41 -8.68 5.53 22.42
CA GLU A 41 -8.17 6.05 23.68
C GLU A 41 -9.25 6.03 24.75
N GLY A 42 -10.39 6.66 24.47
CA GLY A 42 -11.46 6.74 25.45
C GLY A 42 -12.57 5.76 25.18
N ASP A 43 -12.24 4.60 24.61
CA ASP A 43 -13.21 3.53 24.47
C ASP A 43 -13.28 2.71 25.75
N ASP A 44 -14.38 1.97 25.90
CA ASP A 44 -14.60 1.18 27.10
C ASP A 44 -13.48 0.15 27.27
N SER A 45 -13.31 -0.30 28.51
CA SER A 45 -12.25 -1.26 28.81
C SER A 45 -12.49 -2.59 28.10
N SER A 46 -13.57 -3.28 28.47
CA SER A 46 -13.88 -4.60 27.91
C SER A 46 -15.24 -4.59 27.20
N LYS A 47 -15.66 -3.42 26.72
CA LYS A 47 -16.92 -3.30 25.98
C LYS A 47 -16.71 -2.69 24.60
N SER A 48 -15.50 -2.81 24.05
CA SER A 48 -15.16 -2.22 22.75
C SER A 48 -14.49 -3.28 21.89
N VAL A 49 -15.19 -3.73 20.84
CA VAL A 49 -14.56 -4.65 19.89
C VAL A 49 -13.32 -4.05 19.26
N PRO A 50 -13.33 -2.82 18.73
CA PRO A 50 -12.10 -2.27 18.14
C PRO A 50 -10.91 -2.32 19.08
N LEU A 51 -11.08 -1.88 20.33
CA LEU A 51 -9.97 -1.95 21.28
C LEU A 51 -9.57 -3.39 21.56
N ALA A 52 -10.55 -4.24 21.87
CA ALA A 52 -10.24 -5.64 22.16
C ALA A 52 -9.58 -6.33 20.99
N LEU A 53 -9.93 -5.94 19.76
CA LEU A 53 -9.24 -6.49 18.58
C LEU A 53 -7.84 -5.95 18.46
N GLN A 54 -7.63 -4.66 18.79
CA GLN A 54 -6.29 -4.09 18.77
C GLN A 54 -5.35 -4.86 19.69
N ARG A 55 -5.79 -5.15 20.91
CA ARG A 55 -4.96 -5.87 21.85
C ARG A 55 -4.53 -7.22 21.29
N VAL A 56 -5.47 -7.97 20.74
CA VAL A 56 -5.15 -9.30 20.21
C VAL A 56 -4.05 -9.20 19.15
N PHE A 57 -4.19 -8.26 18.21
CA PHE A 57 -3.19 -8.11 17.17
C PHE A 57 -1.82 -7.76 17.77
N TYR A 58 -1.80 -6.83 18.73
CA TYR A 58 -0.53 -6.46 19.35
C TYR A 58 0.10 -7.66 20.05
N GLU A 59 -0.68 -8.35 20.89
CA GLU A 59 -0.16 -9.54 21.56
C GLU A 59 0.33 -10.57 20.56
N LEU A 60 -0.38 -10.71 19.43
CA LEU A 60 0.07 -11.63 18.39
C LEU A 60 1.40 -11.20 17.81
N GLN A 61 1.61 -9.89 17.64
CA GLN A 61 2.84 -9.41 17.03
C GLN A 61 4.02 -9.49 17.99
N HIS A 62 3.78 -9.35 19.29
CA HIS A 62 4.84 -9.29 20.28
C HIS A 62 4.92 -10.53 21.17
N SER A 63 3.80 -11.00 21.71
CA SER A 63 3.84 -12.04 22.72
C SER A 63 4.53 -13.30 22.17
N ASP A 64 5.11 -14.08 23.09
CA ASP A 64 5.78 -15.32 22.74
C ASP A 64 4.99 -16.56 23.13
N LYS A 65 3.88 -16.41 23.84
CA LYS A 65 3.05 -17.53 24.26
C LYS A 65 1.68 -17.42 23.60
N PRO A 66 0.90 -18.50 23.62
CA PRO A 66 -0.41 -18.46 22.97
C PRO A 66 -1.24 -17.28 23.47
N VAL A 67 -1.97 -16.65 22.55
CA VAL A 67 -2.77 -15.48 22.86
C VAL A 67 -4.19 -15.91 23.22
N GLY A 68 -4.86 -15.10 24.03
CA GLY A 68 -6.21 -15.39 24.45
C GLY A 68 -7.26 -14.50 23.80
N THR A 69 -8.51 -14.97 23.80
CA THR A 69 -9.60 -14.25 23.15
C THR A 69 -10.81 -14.10 24.06
N LYS A 70 -10.67 -14.36 25.36
CA LYS A 70 -11.82 -14.28 26.26
C LYS A 70 -12.41 -12.88 26.27
N LYS A 71 -11.57 -11.86 26.37
CA LYS A 71 -12.06 -10.48 26.39
C LYS A 71 -12.74 -10.13 25.07
N LEU A 72 -12.23 -10.67 23.96
CA LEU A 72 -12.79 -10.35 22.65
C LEU A 72 -14.22 -10.87 22.51
N THR A 73 -14.46 -12.13 22.89
CA THR A 73 -15.79 -12.70 22.75
C THR A 73 -16.82 -11.86 23.50
N LYS A 74 -16.54 -11.54 24.76
CA LYS A 74 -17.44 -10.70 25.53
C LYS A 74 -17.64 -9.34 24.89
N SER A 75 -16.70 -8.90 24.04
CA SER A 75 -16.86 -7.61 23.36
C SER A 75 -18.16 -7.56 22.57
N PHE A 76 -18.40 -8.59 21.76
CA PHE A 76 -19.63 -8.67 20.97
C PHE A 76 -20.67 -9.60 21.58
N GLY A 77 -20.47 -10.04 22.82
CA GLY A 77 -21.47 -10.77 23.57
C GLY A 77 -21.86 -12.11 22.98
N TRP A 78 -20.87 -12.95 22.67
CA TRP A 78 -21.14 -14.32 22.25
C TRP A 78 -20.61 -15.31 23.26
N GLU A 79 -21.03 -15.18 24.52
CA GLU A 79 -20.53 -16.02 25.59
C GLU A 79 -21.38 -17.27 25.82
N THR A 80 -22.44 -17.48 25.04
CA THR A 80 -23.26 -18.65 25.22
C THR A 80 -22.61 -19.88 24.57
N LEU A 81 -23.07 -21.06 24.98
CA LEU A 81 -22.48 -22.30 24.48
C LEU A 81 -22.76 -22.49 23.00
N ASP A 82 -24.01 -22.31 22.58
CA ASP A 82 -24.42 -22.49 21.20
C ASP A 82 -24.31 -21.19 20.38
N SER A 83 -23.52 -20.23 20.85
CA SER A 83 -23.41 -18.94 20.15
C SER A 83 -22.87 -19.13 18.74
N PHE A 84 -21.79 -19.88 18.60
CA PHE A 84 -21.13 -20.02 17.31
C PHE A 84 -21.84 -21.03 16.41
N MET A 85 -22.52 -22.02 16.99
CA MET A 85 -23.25 -22.99 16.18
C MET A 85 -24.44 -22.37 15.46
N GLN A 86 -24.84 -21.15 15.82
CA GLN A 86 -25.98 -20.48 15.21
C GLN A 86 -25.56 -19.34 14.30
N HIS A 87 -24.28 -19.30 13.89
CA HIS A 87 -23.78 -18.21 13.05
C HIS A 87 -22.80 -18.76 12.03
N ASP A 88 -22.85 -18.20 10.81
CA ASP A 88 -21.88 -18.54 9.79
C ASP A 88 -20.57 -17.78 10.04
N VAL A 89 -19.48 -18.31 9.47
CA VAL A 89 -18.18 -17.68 9.66
C VAL A 89 -18.19 -16.27 9.09
N GLN A 90 -18.76 -16.10 7.89
CA GLN A 90 -18.83 -14.77 7.29
C GLN A 90 -19.62 -13.80 8.15
N GLU A 91 -20.61 -14.32 8.90
CA GLU A 91 -21.36 -13.46 9.81
C GLU A 91 -20.46 -12.84 10.87
N LEU A 92 -19.40 -13.56 11.27
CA LEU A 92 -18.47 -13.00 12.24
C LEU A 92 -17.50 -12.02 11.58
N CYS A 93 -17.00 -12.36 10.39
CA CYS A 93 -16.17 -11.41 9.64
C CYS A 93 -16.92 -10.10 9.41
N ARG A 94 -18.21 -10.17 9.09
CA ARG A 94 -18.98 -8.96 8.92
C ARG A 94 -19.16 -8.21 10.23
N VAL A 95 -19.44 -8.96 11.31
CA VAL A 95 -19.60 -8.34 12.62
C VAL A 95 -18.32 -7.63 13.02
N LEU A 96 -17.16 -8.28 12.82
CA LEU A 96 -15.90 -7.67 13.20
C LEU A 96 -15.58 -6.45 12.34
N LEU A 97 -15.68 -6.60 11.02
CA LEU A 97 -15.28 -5.51 10.13
C LEU A 97 -16.20 -4.30 10.28
N ASP A 98 -17.50 -4.53 10.50
CA ASP A 98 -18.41 -3.40 10.65
C ASP A 98 -18.07 -2.56 11.87
N ASN A 99 -17.64 -3.21 12.96
CA ASN A 99 -17.31 -2.46 14.17
C ASN A 99 -16.09 -1.57 13.98
N VAL A 100 -15.04 -2.09 13.36
CA VAL A 100 -13.83 -1.30 13.16
C VAL A 100 -14.05 -0.23 12.09
N GLU A 101 -14.83 -0.57 11.05
CA GLU A 101 -15.09 0.40 9.99
C GLU A 101 -15.81 1.62 10.53
N ASN A 102 -16.81 1.42 11.40
CA ASN A 102 -17.52 2.55 11.99
C ASN A 102 -16.61 3.38 12.87
N LYS A 103 -15.71 2.73 13.63
CA LYS A 103 -14.79 3.42 14.50
C LYS A 103 -13.68 4.14 13.75
N MET A 104 -13.51 3.88 12.46
CA MET A 104 -12.48 4.50 11.65
C MET A 104 -12.99 5.71 10.85
N LYS A 105 -14.27 6.04 10.98
CA LYS A 105 -14.83 7.15 10.22
C LYS A 105 -14.16 8.47 10.59
N GLY A 106 -13.84 9.26 9.56
CA GLY A 106 -13.25 10.58 9.74
C GLY A 106 -11.77 10.62 10.05
N THR A 107 -11.10 9.47 10.14
CA THR A 107 -9.67 9.44 10.42
C THR A 107 -8.90 9.44 9.10
N CYS A 108 -7.60 9.14 9.17
CA CYS A 108 -6.80 9.05 7.95
C CYS A 108 -7.05 7.74 7.20
N VAL A 109 -7.61 6.74 7.86
CA VAL A 109 -7.79 5.42 7.28
C VAL A 109 -9.27 5.06 7.16
N GLU A 110 -10.15 6.05 7.21
CA GLU A 110 -11.57 5.77 7.09
C GLU A 110 -11.86 5.14 5.74
N GLY A 111 -12.71 4.12 5.73
CA GLY A 111 -13.02 3.44 4.49
C GLY A 111 -11.99 2.44 4.04
N THR A 112 -11.07 2.04 4.93
CA THR A 112 -10.06 1.05 4.55
C THR A 112 -10.70 -0.31 4.31
N ILE A 113 -11.73 -0.65 5.08
CA ILE A 113 -12.39 -1.95 4.91
C ILE A 113 -12.95 -2.09 3.50
N PRO A 114 -13.77 -1.17 3.00
CA PRO A 114 -14.25 -1.31 1.61
C PRO A 114 -13.12 -1.36 0.60
N LYS A 115 -12.00 -0.67 0.88
CA LYS A 115 -10.89 -0.66 -0.05
C LYS A 115 -10.30 -2.05 -0.25
N LEU A 116 -10.42 -2.91 0.76
CA LEU A 116 -9.82 -4.24 0.70
C LEU A 116 -10.83 -5.36 0.45
N PHE A 117 -12.02 -5.29 1.04
CA PHE A 117 -12.97 -6.38 0.97
C PHE A 117 -14.25 -6.05 0.20
N ARG A 118 -14.42 -4.82 -0.24
CA ARG A 118 -15.67 -4.39 -0.85
C ARG A 118 -15.61 -4.54 -2.37
N GLY A 119 -16.66 -5.13 -2.95
CA GLY A 119 -16.76 -5.27 -4.39
C GLY A 119 -18.16 -4.88 -4.86
N LYS A 120 -18.28 -4.76 -6.18
CA LYS A 120 -19.51 -4.31 -6.82
C LYS A 120 -20.04 -5.38 -7.75
N MET A 121 -21.35 -5.66 -7.65
CA MET A 121 -22.02 -6.62 -8.51
C MET A 121 -23.37 -6.03 -8.95
N VAL A 122 -23.95 -6.64 -9.98
CA VAL A 122 -25.19 -6.17 -10.56
C VAL A 122 -26.15 -7.35 -10.70
N SER A 123 -27.33 -7.25 -10.08
CA SER A 123 -28.40 -8.21 -10.24
C SER A 123 -29.43 -7.64 -11.20
N TYR A 124 -29.93 -8.49 -12.10
CA TYR A 124 -30.79 -8.02 -13.18
C TYR A 124 -31.94 -8.99 -13.42
N ILE A 125 -32.89 -8.54 -14.24
CA ILE A 125 -34.04 -9.33 -14.66
C ILE A 125 -34.35 -8.95 -16.10
N GLN A 126 -34.22 -9.92 -17.01
CA GLN A 126 -34.43 -9.69 -18.43
C GLN A 126 -35.50 -10.65 -18.95
N CYS A 127 -36.44 -10.12 -19.71
CA CYS A 127 -37.52 -10.90 -20.30
C CYS A 127 -37.41 -10.88 -21.82
N LYS A 128 -37.78 -12.00 -22.44
CA LYS A 128 -37.67 -12.16 -23.88
C LYS A 128 -38.94 -11.75 -24.62
N GLU A 129 -40.04 -11.54 -23.91
CA GLU A 129 -41.28 -11.11 -24.57
C GLU A 129 -41.23 -9.62 -24.92
N VAL A 130 -41.19 -8.77 -23.90
CA VAL A 130 -41.13 -7.33 -24.09
C VAL A 130 -39.67 -6.87 -24.03
N ASP A 131 -39.45 -5.64 -23.58
CA ASP A 131 -38.12 -5.06 -23.49
C ASP A 131 -37.98 -4.26 -22.20
N TYR A 132 -38.31 -4.89 -21.08
CA TYR A 132 -38.16 -4.29 -19.76
C TYR A 132 -37.08 -5.04 -19.00
N ARG A 133 -36.01 -4.34 -18.64
CA ARG A 133 -34.94 -4.90 -17.83
C ARG A 133 -34.77 -4.05 -16.57
N SER A 134 -34.63 -4.71 -15.43
CA SER A 134 -34.44 -4.05 -14.15
C SER A 134 -33.11 -4.49 -13.57
N ASP A 135 -32.19 -3.54 -13.41
CA ASP A 135 -30.89 -3.78 -12.83
C ASP A 135 -30.82 -3.21 -11.42
N ARG A 136 -29.97 -3.81 -10.60
CA ARG A 136 -29.76 -3.36 -9.22
C ARG A 136 -28.29 -3.51 -8.86
N ARG A 137 -27.63 -2.39 -8.59
CA ARG A 137 -26.27 -2.42 -8.09
C ARG A 137 -26.25 -2.78 -6.61
N GLU A 138 -25.30 -3.63 -6.22
CA GLU A 138 -25.15 -4.03 -4.84
C GLU A 138 -23.68 -4.18 -4.51
N ASP A 139 -23.37 -4.15 -3.22
CA ASP A 139 -22.02 -4.36 -2.72
C ASP A 139 -21.94 -5.69 -1.98
N TYR A 140 -20.77 -6.32 -2.04
CA TYR A 140 -20.57 -7.60 -1.39
C TYR A 140 -19.19 -7.62 -0.75
N TYR A 141 -19.11 -8.21 0.44
CA TYR A 141 -17.84 -8.40 1.14
C TYR A 141 -17.41 -9.86 1.21
N ASP A 142 -18.35 -10.79 1.13
CA ASP A 142 -18.06 -12.22 1.10
C ASP A 142 -18.97 -12.88 0.08
N ILE A 143 -18.47 -13.97 -0.52
CA ILE A 143 -19.19 -14.68 -1.57
C ILE A 143 -19.48 -16.09 -1.08
N GLN A 144 -20.76 -16.48 -1.11
CA GLN A 144 -21.17 -17.82 -0.73
C GLN A 144 -21.31 -18.66 -2.00
N LEU A 145 -20.44 -19.66 -2.14
CA LEU A 145 -20.43 -20.51 -3.32
C LEU A 145 -21.06 -21.86 -2.99
N SER A 146 -21.67 -22.46 -4.01
CA SER A 146 -22.25 -23.79 -3.88
C SER A 146 -21.25 -24.82 -4.38
N ILE A 147 -21.12 -25.93 -3.67
CA ILE A 147 -20.14 -26.95 -3.99
C ILE A 147 -20.77 -28.32 -4.18
N LYS A 148 -22.07 -28.47 -3.95
CA LYS A 148 -22.73 -29.75 -4.19
C LYS A 148 -22.84 -29.98 -5.69
N GLY A 149 -22.22 -31.07 -6.16
CA GLY A 149 -22.18 -31.34 -7.59
C GLY A 149 -21.24 -30.48 -8.39
N LYS A 150 -20.42 -29.67 -7.72
CA LYS A 150 -19.46 -28.80 -8.39
C LYS A 150 -18.07 -29.39 -8.26
N LYS A 151 -17.34 -29.44 -9.37
CA LYS A 151 -16.03 -30.10 -9.37
C LYS A 151 -14.96 -29.20 -8.75
N ASN A 152 -14.93 -27.92 -9.12
CA ASN A 152 -13.89 -27.02 -8.64
C ASN A 152 -14.45 -25.60 -8.56
N ILE A 153 -13.58 -24.66 -8.19
CA ILE A 153 -14.00 -23.26 -8.07
C ILE A 153 -14.51 -22.73 -9.40
N PHE A 154 -13.91 -23.18 -10.51
CA PHE A 154 -14.33 -22.70 -11.82
C PHE A 154 -15.80 -22.97 -12.05
N GLU A 155 -16.24 -24.22 -11.82
CA GLU A 155 -17.64 -24.55 -12.02
C GLU A 155 -18.53 -23.80 -11.04
N SER A 156 -18.05 -23.58 -9.81
CA SER A 156 -18.84 -22.87 -8.82
C SER A 156 -19.13 -21.44 -9.28
N PHE A 157 -18.12 -20.77 -9.83
CA PHE A 157 -18.34 -19.43 -10.35
C PHE A 157 -19.27 -19.46 -11.56
N VAL A 158 -19.17 -20.50 -12.39
CA VAL A 158 -20.05 -20.60 -13.55
C VAL A 158 -21.50 -20.71 -13.10
N ASP A 159 -21.76 -21.49 -12.04
CA ASP A 159 -23.12 -21.61 -11.53
C ASP A 159 -23.55 -20.33 -10.80
N TYR A 160 -22.61 -19.59 -10.24
CA TYR A 160 -22.96 -18.36 -9.53
C TYR A 160 -23.51 -17.32 -10.49
N VAL A 161 -22.88 -17.15 -11.65
CA VAL A 161 -23.33 -16.19 -12.65
C VAL A 161 -24.27 -16.80 -13.67
N ALA A 162 -24.61 -18.08 -13.53
CA ALA A 162 -25.51 -18.73 -14.48
C ALA A 162 -26.88 -18.05 -14.46
N VAL A 163 -27.52 -18.02 -15.63
CA VAL A 163 -28.81 -17.36 -15.78
C VAL A 163 -29.92 -18.30 -15.37
N GLU A 164 -30.97 -17.74 -14.77
CA GLU A 164 -32.14 -18.49 -14.33
C GLU A 164 -33.35 -18.10 -15.18
N GLN A 165 -34.13 -19.10 -15.57
CA GLN A 165 -35.29 -18.89 -16.43
C GLN A 165 -36.55 -18.77 -15.57
N LEU A 166 -37.21 -17.63 -15.65
CA LEU A 166 -38.48 -17.39 -14.96
C LEU A 166 -39.59 -17.53 -16.01
N ASP A 167 -40.11 -18.74 -16.15
CA ASP A 167 -41.16 -19.03 -17.12
C ASP A 167 -42.17 -19.98 -16.47
N GLY A 168 -43.23 -20.29 -17.21
CA GLY A 168 -44.25 -21.17 -16.68
C GLY A 168 -44.90 -20.57 -15.45
N ASP A 169 -44.97 -21.36 -14.38
CA ASP A 169 -45.58 -20.90 -13.14
C ASP A 169 -44.73 -19.89 -12.38
N ASN A 170 -43.57 -19.51 -12.92
CA ASN A 170 -42.68 -18.56 -12.29
C ASN A 170 -42.43 -17.36 -13.19
N LYS A 171 -43.44 -16.95 -13.95
CA LYS A 171 -43.31 -15.80 -14.82
C LYS A 171 -43.11 -14.53 -14.00
N TYR A 172 -42.42 -13.57 -14.61
CA TYR A 172 -42.09 -12.32 -13.93
C TYR A 172 -43.19 -11.29 -14.13
N ASP A 173 -43.54 -10.60 -13.04
CA ASP A 173 -44.56 -9.55 -13.10
C ASP A 173 -43.99 -8.31 -13.77
N ALA A 174 -44.11 -8.23 -15.09
CA ALA A 174 -43.52 -7.13 -15.85
C ALA A 174 -44.29 -5.83 -15.67
N GLY A 175 -44.90 -5.65 -14.50
CA GLY A 175 -45.63 -4.43 -14.22
C GLY A 175 -46.78 -4.17 -15.16
N GLU A 176 -46.60 -3.21 -16.07
CA GLU A 176 -47.67 -2.87 -17.02
C GLU A 176 -47.87 -3.93 -18.09
N HIS A 177 -46.91 -4.84 -18.27
CA HIS A 177 -47.01 -5.89 -19.27
C HIS A 177 -47.55 -7.19 -18.70
N GLY A 178 -47.99 -7.19 -17.44
CA GLY A 178 -48.49 -8.41 -16.83
C GLY A 178 -47.40 -9.46 -16.65
N LEU A 179 -47.85 -10.66 -16.32
CA LEU A 179 -46.92 -11.77 -16.15
C LEU A 179 -46.15 -12.01 -17.46
N GLN A 180 -44.84 -12.16 -17.35
CA GLN A 180 -43.98 -12.31 -18.51
C GLN A 180 -42.93 -13.38 -18.25
N GLU A 181 -42.47 -14.01 -19.34
CA GLU A 181 -41.34 -14.92 -19.26
C GLU A 181 -40.06 -14.10 -19.31
N ALA A 182 -39.15 -14.38 -18.37
CA ALA A 182 -37.89 -13.64 -18.28
C ALA A 182 -36.83 -14.57 -17.69
N GLU A 183 -35.64 -14.01 -17.50
CA GLU A 183 -34.52 -14.73 -16.90
C GLU A 183 -33.78 -13.80 -15.96
N LYS A 184 -33.34 -14.34 -14.83
CA LYS A 184 -32.68 -13.57 -13.80
C LYS A 184 -31.27 -14.10 -13.55
N GLY A 185 -30.37 -13.18 -13.21
CA GLY A 185 -29.00 -13.55 -12.94
C GLY A 185 -28.25 -12.42 -12.27
N VAL A 186 -26.93 -12.60 -12.16
CA VAL A 186 -26.05 -11.60 -11.57
C VAL A 186 -24.74 -11.62 -12.33
N LYS A 187 -24.02 -10.49 -12.25
CA LYS A 187 -22.72 -10.34 -12.89
C LYS A 187 -21.78 -9.63 -11.93
N PHE A 188 -20.49 -9.89 -12.10
CA PHE A 188 -19.45 -9.30 -11.26
C PHE A 188 -18.90 -8.04 -11.93
N LEU A 189 -19.12 -6.90 -11.29
CA LEU A 189 -18.57 -5.65 -11.81
C LEU A 189 -17.10 -5.50 -11.43
N THR A 190 -16.76 -5.74 -10.17
CA THR A 190 -15.39 -5.63 -9.69
C THR A 190 -15.13 -6.70 -8.65
N LEU A 191 -13.84 -6.97 -8.41
CA LEU A 191 -13.40 -7.93 -7.42
C LEU A 191 -12.44 -7.24 -6.45
N PRO A 192 -12.69 -7.33 -5.15
CA PRO A 192 -11.86 -6.60 -4.18
C PRO A 192 -10.44 -7.14 -4.15
N PRO A 193 -9.51 -6.42 -3.53
CA PRO A 193 -8.14 -6.94 -3.42
C PRO A 193 -8.05 -8.22 -2.59
N VAL A 194 -8.80 -8.29 -1.49
CA VAL A 194 -8.85 -9.48 -0.65
C VAL A 194 -10.21 -10.13 -0.87
N LEU A 195 -10.19 -11.40 -1.29
CA LEU A 195 -11.39 -12.13 -1.65
C LEU A 195 -11.68 -13.19 -0.60
N HIS A 196 -12.89 -13.16 -0.05
CA HIS A 196 -13.36 -14.12 0.94
C HIS A 196 -14.43 -15.00 0.32
N LEU A 197 -14.16 -16.31 0.25
CA LEU A 197 -15.07 -17.26 -0.39
C LEU A 197 -15.43 -18.35 0.61
N GLN A 198 -16.70 -18.41 1.00
CA GLN A 198 -17.21 -19.45 1.87
C GLN A 198 -17.83 -20.56 1.03
N LEU A 199 -17.53 -21.80 1.38
CA LEU A 199 -18.02 -22.96 0.65
C LEU A 199 -19.24 -23.53 1.34
N MET A 200 -20.38 -23.53 0.64
CA MET A 200 -21.64 -24.03 1.20
C MET A 200 -21.52 -25.53 1.43
N ARG A 201 -20.87 -25.90 2.53
CA ARG A 201 -20.73 -27.28 2.92
C ARG A 201 -21.70 -27.70 4.02
N PHE A 202 -22.38 -26.75 4.66
CA PHE A 202 -23.36 -27.02 5.70
C PHE A 202 -24.75 -26.70 5.13
N MET A 203 -25.28 -27.62 4.34
CA MET A 203 -26.56 -27.42 3.68
C MET A 203 -27.72 -27.85 4.58
N ASN A 211 -28.12 -28.65 7.61
CA ASN A 211 -27.96 -29.11 8.98
C ASN A 211 -26.99 -30.28 9.06
N ILE A 212 -26.42 -30.67 7.91
CA ILE A 212 -25.51 -31.81 7.83
C ILE A 212 -24.30 -31.40 7.01
N LYS A 213 -23.11 -31.71 7.51
CA LYS A 213 -21.88 -31.42 6.79
C LYS A 213 -21.70 -32.37 5.61
N ILE A 214 -21.27 -31.82 4.48
CA ILE A 214 -20.99 -32.60 3.28
C ILE A 214 -19.48 -32.58 3.05
N ASN A 215 -18.91 -33.76 2.80
CA ASN A 215 -17.47 -33.93 2.65
C ASN A 215 -17.07 -34.34 1.23
N ASP A 216 -17.84 -33.91 0.23
CA ASP A 216 -17.47 -34.24 -1.15
C ASP A 216 -16.17 -33.54 -1.55
N ARG A 217 -15.58 -34.04 -2.64
CA ARG A 217 -14.31 -33.50 -3.14
C ARG A 217 -14.54 -32.18 -3.88
N PHE A 218 -13.78 -31.15 -3.50
CA PHE A 218 -13.86 -29.84 -4.13
C PHE A 218 -12.44 -29.31 -4.32
N GLU A 219 -12.11 -28.92 -5.54
CA GLU A 219 -10.77 -28.49 -5.90
C GLU A 219 -10.72 -26.98 -6.06
N PHE A 220 -9.61 -26.39 -5.61
CA PHE A 220 -9.35 -24.96 -5.74
C PHE A 220 -7.86 -24.79 -6.02
N PRO A 221 -7.50 -23.89 -6.92
CA PRO A 221 -6.09 -23.75 -7.32
C PRO A 221 -5.33 -22.75 -6.46
N GLU A 222 -4.00 -22.84 -6.56
CA GLU A 222 -3.14 -21.87 -5.89
C GLU A 222 -3.25 -20.51 -6.56
N GLN A 223 -3.37 -20.48 -7.89
CA GLN A 223 -3.59 -19.26 -8.65
C GLN A 223 -4.91 -19.40 -9.39
N LEU A 224 -5.76 -18.38 -9.26
CA LEU A 224 -7.12 -18.43 -9.79
C LEU A 224 -7.38 -17.22 -10.68
N PRO A 225 -7.55 -17.41 -12.00
CA PRO A 225 -7.91 -16.30 -12.87
C PRO A 225 -9.42 -16.09 -12.97
N LEU A 226 -9.88 -14.88 -12.66
CA LEU A 226 -11.30 -14.56 -12.65
C LEU A 226 -11.69 -13.54 -13.70
N ASP A 227 -10.86 -13.35 -14.74
CA ASP A 227 -11.21 -12.40 -15.79
C ASP A 227 -12.43 -12.85 -16.58
N GLU A 228 -12.69 -14.16 -16.61
CA GLU A 228 -13.80 -14.70 -17.41
C GLU A 228 -15.16 -14.30 -16.87
N PHE A 229 -15.25 -13.89 -15.61
CA PHE A 229 -16.52 -13.60 -14.96
C PHE A 229 -16.76 -12.10 -14.77
N LEU A 230 -15.92 -11.24 -15.34
CA LEU A 230 -16.12 -9.81 -15.24
C LEU A 230 -16.85 -9.27 -16.47
N GLN A 231 -17.66 -8.23 -16.25
CA GLN A 231 -18.40 -7.63 -17.36
C GLN A 231 -17.45 -6.93 -18.32
N LYS A 232 -16.51 -6.14 -17.79
CA LYS A 232 -15.52 -5.43 -18.59
C LYS A 232 -14.13 -5.69 -18.01
N THR A 233 -13.29 -6.36 -18.78
CA THR A 233 -11.94 -6.65 -18.31
C THR A 233 -11.08 -5.40 -18.37
N ASP A 234 -9.96 -5.44 -17.65
CA ASP A 234 -9.01 -4.33 -17.60
C ASP A 234 -7.61 -4.86 -17.87
N PRO A 235 -7.05 -4.61 -19.07
CA PRO A 235 -5.68 -5.08 -19.33
C PRO A 235 -4.64 -4.48 -18.41
N LYS A 236 -4.96 -3.38 -17.73
CA LYS A 236 -4.00 -2.77 -16.81
C LYS A 236 -3.83 -3.62 -15.55
N ASP A 237 -4.91 -4.25 -15.08
CA ASP A 237 -4.86 -5.10 -13.89
C ASP A 237 -5.77 -6.30 -14.11
N PRO A 238 -5.21 -7.47 -14.43
CA PRO A 238 -6.04 -8.66 -14.59
C PRO A 238 -6.64 -9.12 -13.28
N ALA A 239 -7.68 -9.94 -13.39
CA ALA A 239 -8.34 -10.52 -12.21
C ALA A 239 -7.67 -11.85 -11.84
N ASN A 240 -6.38 -11.77 -11.55
CA ASN A 240 -5.59 -12.93 -11.13
C ASN A 240 -5.39 -12.86 -9.62
N TYR A 241 -5.79 -13.91 -8.92
CA TYR A 241 -5.74 -13.95 -7.47
C TYR A 241 -4.85 -15.09 -7.00
N ILE A 242 -4.23 -14.87 -5.84
CA ILE A 242 -3.30 -15.83 -5.24
C ILE A 242 -3.90 -16.33 -3.94
N LEU A 243 -3.81 -17.64 -3.71
CA LEU A 243 -4.33 -18.23 -2.49
C LEU A 243 -3.52 -17.78 -1.30
N HIS A 244 -4.20 -17.26 -0.28
CA HIS A 244 -3.56 -16.72 0.92
C HIS A 244 -3.84 -17.52 2.18
N ALA A 245 -5.08 -17.96 2.39
CA ALA A 245 -5.43 -18.69 3.59
C ALA A 245 -6.50 -19.71 3.25
N VAL A 246 -6.44 -20.86 3.92
CA VAL A 246 -7.40 -21.94 3.74
C VAL A 246 -7.88 -22.39 5.11
N LEU A 247 -9.14 -22.12 5.42
CA LEU A 247 -9.75 -22.59 6.66
C LEU A 247 -10.37 -23.96 6.43
N VAL A 248 -10.12 -24.88 7.36
CA VAL A 248 -10.54 -26.27 7.22
C VAL A 248 -11.26 -26.72 8.47
N HIS A 249 -11.91 -27.87 8.36
CA HIS A 249 -12.68 -28.46 9.44
C HIS A 249 -12.90 -29.92 9.15
N SER A 250 -12.89 -30.75 10.20
CA SER A 250 -13.10 -32.18 10.10
C SER A 250 -13.99 -32.62 11.25
N GLY A 251 -15.11 -33.27 10.92
CA GLY A 251 -16.03 -33.68 11.97
C GLY A 251 -17.33 -34.27 11.48
N ASP A 252 -17.99 -35.04 12.36
CA ASP A 252 -19.22 -35.74 12.01
C ASP A 252 -20.42 -34.82 12.28
N ASN A 253 -20.55 -33.82 11.42
CA ASN A 253 -21.74 -32.97 11.35
C ASN A 253 -21.88 -32.03 12.55
N HIS A 254 -21.11 -32.27 13.62
CA HIS A 254 -21.32 -31.48 14.83
C HIS A 254 -20.09 -31.43 15.73
N GLY A 255 -18.94 -31.04 15.18
CA GLY A 255 -17.75 -30.89 15.99
C GLY A 255 -16.48 -31.41 15.34
N GLY A 256 -15.49 -30.53 15.23
CA GLY A 256 -14.22 -30.92 14.65
C GLY A 256 -13.12 -29.95 15.05
N HIS A 257 -11.89 -30.38 14.80
CA HIS A 257 -10.75 -29.52 15.01
C HIS A 257 -10.66 -28.48 13.90
N TYR A 258 -10.67 -27.20 14.27
CA TYR A 258 -10.63 -26.11 13.32
C TYR A 258 -9.19 -25.66 13.10
N VAL A 259 -8.65 -25.94 11.93
CA VAL A 259 -7.29 -25.59 11.58
C VAL A 259 -7.31 -24.71 10.33
N VAL A 260 -6.28 -23.88 10.18
CA VAL A 260 -6.17 -22.97 9.05
C VAL A 260 -4.74 -23.01 8.54
N TYR A 261 -4.58 -22.96 7.21
CA TYR A 261 -3.28 -22.95 6.57
C TYR A 261 -3.04 -21.59 5.93
N LEU A 262 -1.81 -21.08 6.07
CA LEU A 262 -1.50 -19.73 5.64
C LEU A 262 -0.07 -19.67 5.13
N ASN A 263 0.16 -18.80 4.14
CA ASN A 263 1.48 -18.35 3.74
C ASN A 263 1.49 -16.84 3.94
N PRO A 264 1.84 -16.37 5.14
CA PRO A 264 1.62 -14.95 5.47
C PRO A 264 2.21 -13.97 4.48
N LYS A 265 3.38 -14.27 3.91
CA LYS A 265 4.05 -13.35 3.00
C LYS A 265 3.66 -13.56 1.55
N GLY A 266 2.80 -14.54 1.25
CA GLY A 266 2.39 -14.79 -0.11
C GLY A 266 3.47 -15.38 -1.00
N ASP A 267 4.48 -16.00 -0.40
CA ASP A 267 5.62 -16.54 -1.15
C ASP A 267 5.53 -18.05 -1.35
N GLY A 268 4.44 -18.68 -0.93
CA GLY A 268 4.28 -20.11 -1.07
C GLY A 268 4.78 -20.92 0.11
N LYS A 269 5.31 -20.27 1.15
CA LYS A 269 5.76 -20.98 2.35
C LYS A 269 4.59 -21.04 3.31
N TRP A 270 4.00 -22.22 3.45
CA TRP A 270 2.77 -22.40 4.21
C TRP A 270 3.06 -22.82 5.64
N CYS A 271 2.05 -22.63 6.50
CA CYS A 271 2.15 -22.98 7.91
C CYS A 271 0.77 -23.40 8.41
N LYS A 272 0.76 -24.31 9.37
CA LYS A 272 -0.49 -24.78 9.99
C LYS A 272 -0.69 -24.08 11.31
N PHE A 273 -1.95 -23.75 11.62
CA PHE A 273 -2.30 -23.01 12.83
C PHE A 273 -3.38 -23.79 13.59
N ASP A 274 -2.94 -24.76 14.39
CA ASP A 274 -3.85 -25.51 15.25
C ASP A 274 -3.95 -24.79 16.59
N ASP A 275 -4.61 -23.63 16.54
CA ASP A 275 -4.70 -22.75 17.69
C ASP A 275 -3.32 -22.31 18.16
N ASP A 276 -2.86 -22.87 19.28
CA ASP A 276 -1.58 -22.48 19.86
C ASP A 276 -0.38 -23.19 19.27
N VAL A 277 -0.58 -24.11 18.33
CA VAL A 277 0.50 -24.88 17.74
C VAL A 277 0.66 -24.44 16.29
N VAL A 278 1.72 -23.68 16.02
CA VAL A 278 2.05 -23.24 14.67
C VAL A 278 3.30 -24.00 14.23
N SER A 279 3.26 -24.53 13.00
CA SER A 279 4.35 -25.33 12.49
C SER A 279 4.36 -25.27 10.97
N ARG A 280 5.53 -25.49 10.39
CA ARG A 280 5.66 -25.48 8.93
C ARG A 280 4.91 -26.66 8.32
N CYS A 281 4.58 -26.52 7.04
CA CYS A 281 3.91 -27.58 6.30
C CYS A 281 4.10 -27.34 4.81
N THR A 282 3.89 -28.40 4.03
CA THR A 282 4.06 -28.32 2.59
C THR A 282 2.82 -27.72 1.93
N LYS A 283 3.01 -27.11 0.76
CA LYS A 283 1.89 -26.53 0.04
C LYS A 283 0.85 -27.59 -0.29
N GLU A 284 1.28 -28.83 -0.54
CA GLU A 284 0.33 -29.89 -0.86
C GLU A 284 -0.57 -30.19 0.33
N GLU A 285 -0.01 -30.21 1.54
CA GLU A 285 -0.81 -30.49 2.73
C GLU A 285 -1.85 -29.41 2.96
N ALA A 286 -1.57 -28.18 2.52
CA ALA A 286 -2.48 -27.06 2.72
C ALA A 286 -3.52 -26.92 1.63
N ILE A 287 -3.25 -27.42 0.42
CA ILE A 287 -4.16 -27.23 -0.71
C ILE A 287 -4.83 -28.55 -1.08
N GLU A 288 -4.10 -29.41 -1.80
CA GLU A 288 -4.71 -30.63 -2.32
C GLU A 288 -5.22 -31.53 -1.20
N HIS A 289 -4.52 -31.56 -0.07
CA HIS A 289 -4.94 -32.40 1.04
C HIS A 289 -6.26 -31.95 1.67
N ASN A 290 -6.74 -30.75 1.33
CA ASN A 290 -8.00 -30.24 1.87
C ASN A 290 -9.11 -30.20 0.83
N TYR A 291 -8.88 -30.78 -0.36
CA TYR A 291 -9.96 -30.86 -1.34
C TYR A 291 -11.13 -31.69 -0.84
N GLY A 292 -10.85 -32.67 0.01
CA GLY A 292 -11.89 -33.57 0.50
C GLY A 292 -11.95 -34.85 -0.31
N GLY A 293 -13.11 -35.49 -0.34
CA GLY A 293 -13.27 -36.73 -1.08
C GLY A 293 -13.78 -37.88 -0.23
N HIS A 302 -8.56 -39.15 5.62
CA HIS A 302 -9.22 -37.98 5.04
C HIS A 302 -10.52 -37.67 5.77
N CYS A 303 -11.50 -37.18 5.02
CA CYS A 303 -12.82 -36.73 5.49
C CYS A 303 -12.75 -35.31 6.03
N THR A 304 -11.62 -34.63 5.89
CA THR A 304 -11.48 -33.23 6.25
C THR A 304 -11.47 -32.39 4.98
N ASN A 305 -12.11 -31.22 5.05
CA ASN A 305 -12.23 -30.38 3.88
C ASN A 305 -12.33 -28.92 4.28
N ALA A 306 -11.91 -28.04 3.38
CA ALA A 306 -11.95 -26.61 3.63
C ALA A 306 -13.37 -26.06 3.49
N TYR A 307 -13.63 -24.96 4.18
CA TYR A 307 -14.93 -24.32 4.14
C TYR A 307 -14.87 -22.83 3.79
N MET A 308 -13.69 -22.24 3.72
CA MET A 308 -13.54 -20.85 3.34
C MET A 308 -12.15 -20.62 2.80
N LEU A 309 -12.04 -19.76 1.78
CA LEU A 309 -10.79 -19.46 1.13
C LEU A 309 -10.58 -17.95 1.10
N VAL A 310 -9.31 -17.55 1.14
CA VAL A 310 -8.91 -16.14 1.06
C VAL A 310 -7.96 -15.99 -0.10
N TYR A 311 -8.27 -15.07 -1.01
CA TYR A 311 -7.45 -14.81 -2.19
C TYR A 311 -7.09 -13.34 -2.22
N ILE A 312 -5.88 -13.04 -2.68
CA ILE A 312 -5.39 -11.67 -2.79
C ILE A 312 -5.03 -11.38 -4.24
N ARG A 313 -5.38 -10.19 -4.70
CA ARG A 313 -5.07 -9.81 -6.08
C ARG A 313 -3.57 -9.80 -6.29
N GLU A 314 -3.12 -10.42 -7.38
CA GLU A 314 -1.70 -10.50 -7.65
C GLU A 314 -1.07 -9.11 -7.77
N SER A 315 -1.80 -8.17 -8.36
CA SER A 315 -1.26 -6.82 -8.54
C SER A 315 -1.16 -6.07 -7.22
N LYS A 316 -2.04 -6.37 -6.25
CA LYS A 316 -2.06 -5.68 -4.97
C LYS A 316 -1.53 -6.55 -3.84
N LEU A 317 -0.79 -7.62 -4.16
CA LEU A 317 -0.28 -8.51 -3.14
C LEU A 317 0.70 -7.80 -2.21
N SER A 318 1.61 -6.99 -2.77
CA SER A 318 2.57 -6.29 -1.93
C SER A 318 1.91 -5.22 -1.07
N GLU A 319 0.84 -4.60 -1.55
CA GLU A 319 0.16 -3.56 -0.78
C GLU A 319 -0.53 -4.14 0.44
N VAL A 320 -1.21 -5.29 0.27
CA VAL A 320 -1.93 -5.90 1.39
C VAL A 320 -0.96 -6.47 2.40
N LEU A 321 0.07 -7.18 1.93
CA LEU A 321 1.03 -7.84 2.80
C LEU A 321 2.27 -6.98 3.09
N GLN A 322 2.12 -5.66 3.12
CA GLN A 322 3.26 -4.80 3.38
C GLN A 322 3.84 -5.07 4.77
N ALA A 323 5.13 -4.79 4.93
CA ALA A 323 5.81 -5.06 6.19
C ALA A 323 5.33 -4.13 7.29
N VAL A 324 5.19 -4.67 8.50
CA VAL A 324 4.77 -3.91 9.67
C VAL A 324 5.73 -4.19 10.81
N THR A 325 6.26 -3.13 11.42
CA THR A 325 7.20 -3.22 12.53
C THR A 325 6.55 -2.66 13.79
N ASP A 326 7.29 -2.75 14.89
CA ASP A 326 6.80 -2.22 16.17
C ASP A 326 6.60 -0.71 16.12
N HIS A 327 7.12 -0.03 15.11
CA HIS A 327 6.93 1.42 14.98
C HIS A 327 5.59 1.76 14.35
N ASP A 328 4.83 0.78 13.88
CA ASP A 328 3.54 1.00 13.27
C ASP A 328 2.40 1.03 14.28
N ILE A 329 2.71 1.04 15.58
CA ILE A 329 1.72 1.06 16.64
C ILE A 329 1.88 2.37 17.41
N PRO A 330 0.81 3.14 17.62
CA PRO A 330 0.96 4.39 18.36
C PRO A 330 1.48 4.14 19.76
N GLN A 331 2.29 5.09 20.25
CA GLN A 331 2.88 4.93 21.58
C GLN A 331 1.82 4.94 22.67
N GLN A 332 0.75 5.71 22.49
CA GLN A 332 -0.31 5.75 23.50
C GLN A 332 -0.96 4.38 23.67
N LEU A 333 -1.24 3.69 22.57
CA LEU A 333 -1.86 2.38 22.65
C LEU A 333 -0.93 1.36 23.30
N VAL A 334 0.36 1.42 22.96
CA VAL A 334 1.31 0.46 23.51
C VAL A 334 1.34 0.54 25.03
N GLU A 335 1.31 1.76 25.57
CA GLU A 335 1.31 1.90 27.03
C GLU A 335 0.03 1.35 27.64
N ARG A 336 -1.12 1.68 27.05
CA ARG A 336 -2.38 1.17 27.56
C ARG A 336 -2.42 -0.35 27.51
N LEU A 337 -1.89 -0.94 26.43
CA LEU A 337 -1.84 -2.40 26.35
C LEU A 337 -0.80 -2.97 27.31
N GLN A 338 0.39 -2.35 27.36
CA GLN A 338 1.41 -2.81 28.31
C GLN A 338 0.95 -2.57 29.74
N GLU A 339 0.32 -1.43 30.00
CA GLU A 339 -0.15 -1.13 31.34
C GLU A 339 -1.19 -2.16 31.80
N GLU A 340 -2.03 -2.64 30.87
CA GLU A 340 -3.00 -3.65 31.22
C GLU A 340 -2.31 -4.99 31.49
N LYS A 341 -1.36 -5.37 30.64
CA LYS A 341 -0.60 -6.60 30.89
C LYS A 341 0.22 -6.47 32.16
N ARG A 342 0.85 -5.32 32.37
CA ARG A 342 1.64 -5.11 33.58
C ARG A 342 0.75 -5.12 34.82
N ILE A 343 -0.41 -4.48 34.75
CA ILE A 343 -1.32 -4.46 35.89
C ILE A 343 -1.71 -5.87 36.30
N GLU A 344 -1.75 -6.80 35.34
CA GLU A 344 -2.10 -8.18 35.68
C GLU A 344 -1.04 -8.83 36.54
N ALA A 345 0.21 -8.39 36.45
CA ALA A 345 1.30 -8.95 37.24
C ALA A 345 1.11 -8.64 38.72
N LYS B 1 -0.17 13.37 -22.10
CA LYS B 1 -0.91 12.45 -21.25
C LYS B 1 -1.68 11.43 -22.08
N LYS B 2 -1.20 11.18 -23.29
CA LYS B 2 -1.84 10.21 -24.17
C LYS B 2 -0.89 9.14 -24.67
N HIS B 3 0.38 9.50 -24.93
CA HIS B 3 1.35 8.49 -25.33
C HIS B 3 1.85 7.69 -24.13
N THR B 4 1.91 8.31 -22.95
CA THR B 4 2.36 7.65 -21.74
C THR B 4 1.34 7.66 -20.62
N GLY B 5 0.29 8.49 -20.71
CA GLY B 5 -0.63 8.67 -19.62
C GLY B 5 -0.20 9.70 -18.59
N TYR B 6 0.93 10.37 -18.81
CA TYR B 6 1.46 11.38 -17.90
C TYR B 6 1.49 12.73 -18.60
N VAL B 7 1.24 13.79 -17.82
CA VAL B 7 1.19 15.15 -18.32
C VAL B 7 2.38 15.92 -17.74
N GLY B 8 3.12 16.60 -18.62
CA GLY B 8 4.26 17.38 -18.21
C GLY B 8 3.87 18.78 -17.73
N LEU B 9 4.89 19.58 -17.47
CA LEU B 9 4.71 20.94 -17.00
C LEU B 9 5.22 21.92 -18.04
N LYS B 10 4.53 23.04 -18.19
CA LYS B 10 4.90 24.03 -19.18
C LYS B 10 6.02 24.91 -18.64
N ASN B 11 7.06 25.09 -19.45
CA ASN B 11 8.18 25.95 -19.07
C ASN B 11 7.77 27.40 -19.23
N GLN B 12 7.42 28.04 -18.11
CA GLN B 12 7.00 29.43 -18.12
C GLN B 12 8.16 30.41 -17.94
N GLY B 13 9.35 29.92 -17.59
CA GLY B 13 10.48 30.81 -17.42
C GLY B 13 11.74 30.04 -17.12
N ALA B 14 12.72 30.75 -16.57
CA ALA B 14 14.01 30.15 -16.19
C ALA B 14 13.93 29.62 -14.76
N THR B 15 13.22 28.50 -14.62
CA THR B 15 13.04 27.86 -13.31
C THR B 15 14.08 26.78 -13.01
N CYS B 16 14.99 26.50 -13.94
CA CYS B 16 16.09 25.55 -13.76
C CYS B 16 15.53 24.20 -13.31
N TYR B 17 15.95 23.68 -12.15
CA TYR B 17 15.65 22.34 -11.62
C TYR B 17 14.23 22.19 -11.09
N MET B 18 13.45 23.28 -11.03
CA MET B 18 12.15 23.20 -10.38
C MET B 18 11.26 22.14 -11.02
N ASN B 19 11.07 22.23 -12.35
CA ASN B 19 10.19 21.29 -13.02
C ASN B 19 10.63 19.85 -12.80
N SER B 20 11.95 19.61 -12.77
CA SER B 20 12.45 18.26 -12.57
C SER B 20 12.10 17.75 -11.17
N LEU B 21 12.27 18.59 -10.15
CA LEU B 21 11.97 18.16 -8.79
C LEU B 21 10.48 17.92 -8.60
N LEU B 22 9.64 18.78 -9.20
CA LEU B 22 8.20 18.65 -9.00
C LEU B 22 7.70 17.28 -9.46
N GLN B 23 8.12 16.84 -10.64
CA GLN B 23 7.73 15.53 -11.13
C GLN B 23 8.17 14.44 -10.16
N THR B 24 9.35 14.58 -9.56
CA THR B 24 9.83 13.58 -8.62
C THR B 24 8.94 13.53 -7.37
N LEU B 25 8.61 14.69 -6.81
CA LEU B 25 7.74 14.73 -5.64
C LEU B 25 6.34 14.23 -5.98
N PHE B 26 5.85 14.57 -7.18
CA PHE B 26 4.49 14.18 -7.55
C PHE B 26 4.33 12.67 -7.55
N PHE B 27 5.36 11.93 -7.97
CA PHE B 27 5.28 10.48 -8.02
C PHE B 27 5.58 9.81 -6.70
N THR B 28 5.79 10.57 -5.63
CA THR B 28 5.87 10.03 -4.27
C THR B 28 4.44 9.94 -3.74
N ASN B 29 3.76 8.84 -4.10
CA ASN B 29 2.34 8.72 -3.86
C ASN B 29 2.00 8.98 -2.39
N GLN B 30 2.73 8.34 -1.47
CA GLN B 30 2.43 8.54 -0.06
C GLN B 30 2.51 10.01 0.32
N LEU B 31 3.51 10.73 -0.21
CA LEU B 31 3.58 12.16 0.03
C LEU B 31 2.48 12.89 -0.74
N ARG B 32 2.15 12.40 -1.94
CA ARG B 32 1.11 13.04 -2.74
C ARG B 32 -0.24 12.96 -2.04
N LYS B 33 -0.64 11.76 -1.62
CA LYS B 33 -1.91 11.60 -0.93
C LYS B 33 -1.94 12.39 0.37
N ALA B 34 -0.80 12.46 1.07
CA ALA B 34 -0.74 13.22 2.31
C ALA B 34 -1.05 14.70 2.06
N VAL B 35 -0.60 15.23 0.93
CA VAL B 35 -0.87 16.63 0.62
C VAL B 35 -2.32 16.83 0.25
N TYR B 36 -2.98 15.78 -0.27
CA TYR B 36 -4.38 15.90 -0.63
C TYR B 36 -5.25 16.01 0.61
N MET B 37 -4.83 15.40 1.72
CA MET B 37 -5.57 15.46 2.97
C MET B 37 -5.16 16.63 3.85
N MET B 38 -4.31 17.51 3.34
CA MET B 38 -3.92 18.69 4.10
C MET B 38 -5.09 19.66 4.23
N PRO B 39 -5.29 20.26 5.40
CA PRO B 39 -6.38 21.23 5.55
C PRO B 39 -6.09 22.54 4.81
N THR B 40 -6.43 22.58 3.52
CA THR B 40 -6.19 23.74 2.68
C THR B 40 -7.49 24.40 2.25
N GLU B 41 -8.46 24.46 3.16
CA GLU B 41 -9.76 25.04 2.83
C GLU B 41 -9.68 26.56 2.72
N GLY B 42 -9.25 27.22 3.80
CA GLY B 42 -9.20 28.67 3.83
C GLY B 42 -7.80 29.24 3.68
N VAL B 49 1.94 28.25 0.20
CA VAL B 49 2.62 27.29 -0.67
C VAL B 49 1.80 26.03 -0.84
N PRO B 50 1.36 25.42 0.27
CA PRO B 50 0.51 24.23 0.16
C PRO B 50 -0.73 24.48 -0.70
N LEU B 51 -1.43 25.59 -0.46
CA LEU B 51 -2.57 25.97 -1.28
C LEU B 51 -2.14 26.36 -2.69
N ALA B 52 -1.08 25.71 -3.19
CA ALA B 52 -0.56 25.97 -4.53
C ALA B 52 0.18 24.73 -5.01
N LEU B 53 0.84 24.03 -4.07
CA LEU B 53 1.44 22.74 -4.41
C LEU B 53 0.37 21.67 -4.60
N GLN B 54 -0.68 21.72 -3.77
CA GLN B 54 -1.80 20.80 -3.95
C GLN B 54 -2.40 20.94 -5.34
N ARG B 55 -2.63 22.18 -5.77
CA ARG B 55 -3.18 22.43 -7.10
C ARG B 55 -2.30 21.80 -8.17
N VAL B 56 -0.99 22.04 -8.10
CA VAL B 56 -0.08 21.49 -9.10
C VAL B 56 -0.22 19.97 -9.18
N PHE B 57 -0.19 19.31 -8.03
CA PHE B 57 -0.34 17.86 -8.02
C PHE B 57 -1.66 17.44 -8.65
N TYR B 58 -2.74 18.11 -8.29
CA TYR B 58 -4.04 17.77 -8.86
C TYR B 58 -4.05 18.00 -10.36
N GLU B 59 -3.62 19.18 -10.81
CA GLU B 59 -3.57 19.47 -12.24
C GLU B 59 -2.74 18.43 -12.98
N LEU B 60 -1.63 17.99 -12.38
CA LEU B 60 -0.84 16.92 -12.98
C LEU B 60 -1.65 15.63 -13.07
N GLN B 61 -2.43 15.33 -12.03
CA GLN B 61 -3.22 14.11 -11.97
C GLN B 61 -4.47 14.18 -12.83
N HIS B 62 -4.99 15.38 -13.10
CA HIS B 62 -6.25 15.55 -13.82
C HIS B 62 -6.05 15.99 -15.27
N SER B 63 -5.30 17.08 -15.47
CA SER B 63 -5.17 17.68 -16.79
C SER B 63 -4.49 16.72 -17.77
N ASP B 64 -4.79 16.94 -19.06
CA ASP B 64 -4.17 16.17 -20.14
C ASP B 64 -3.14 16.97 -20.92
N LYS B 65 -2.98 18.26 -20.63
CA LYS B 65 -2.02 19.13 -21.31
C LYS B 65 -0.97 19.62 -20.33
N PRO B 66 0.14 20.19 -20.81
CA PRO B 66 1.18 20.67 -19.89
C PRO B 66 0.62 21.62 -18.84
N VAL B 67 1.09 21.46 -17.61
CA VAL B 67 0.63 22.25 -16.47
C VAL B 67 1.56 23.45 -16.27
N GLY B 68 1.02 24.51 -15.67
CA GLY B 68 1.78 25.71 -15.39
C GLY B 68 2.10 25.85 -13.92
N THR B 69 3.13 26.63 -13.59
CA THR B 69 3.57 26.79 -12.21
C THR B 69 3.72 28.26 -11.79
N LYS B 70 3.16 29.19 -12.56
CA LYS B 70 3.34 30.61 -12.23
C LYS B 70 2.81 30.92 -10.83
N LYS B 71 1.62 30.42 -10.50
CA LYS B 71 1.06 30.69 -9.18
C LYS B 71 1.92 30.07 -8.08
N LEU B 72 2.50 28.90 -8.34
CA LEU B 72 3.30 28.23 -7.32
C LEU B 72 4.58 29.01 -7.03
N THR B 73 5.29 29.44 -8.06
CA THR B 73 6.55 30.16 -7.86
C THR B 73 6.35 31.41 -7.02
N LYS B 74 5.36 32.24 -7.38
CA LYS B 74 5.08 33.44 -6.61
C LYS B 74 4.73 33.14 -5.16
N SER B 75 4.28 31.91 -4.87
CA SER B 75 3.92 31.55 -3.50
C SER B 75 5.07 31.79 -2.53
N PHE B 76 6.26 31.31 -2.88
CA PHE B 76 7.45 31.48 -2.04
C PHE B 76 8.34 32.62 -2.50
N GLY B 77 7.87 33.46 -3.42
CA GLY B 77 8.57 34.68 -3.78
C GLY B 77 9.93 34.51 -4.42
N TRP B 78 10.03 33.67 -5.46
CA TRP B 78 11.26 33.57 -6.23
C TRP B 78 11.04 34.08 -7.66
N GLU B 79 10.55 35.31 -7.79
CA GLU B 79 10.24 35.88 -9.09
C GLU B 79 11.40 36.66 -9.69
N THR B 80 12.54 36.72 -9.01
CA THR B 80 13.70 37.44 -9.53
C THR B 80 14.43 36.60 -10.57
N LEU B 81 15.27 37.28 -11.36
CA LEU B 81 16.01 36.61 -12.42
C LEU B 81 16.99 35.60 -11.84
N ASP B 82 17.78 36.03 -10.86
CA ASP B 82 18.79 35.17 -10.25
C ASP B 82 18.24 34.38 -9.07
N SER B 83 16.92 34.25 -8.96
CA SER B 83 16.33 33.55 -7.82
C SER B 83 16.79 32.10 -7.77
N PHE B 84 16.67 31.39 -8.89
CA PHE B 84 17.00 29.97 -8.92
C PHE B 84 18.50 29.73 -9.08
N MET B 85 19.21 30.62 -9.77
CA MET B 85 20.64 30.46 -9.95
C MET B 85 21.43 30.64 -8.66
N GLN B 86 20.82 31.18 -7.60
CA GLN B 86 21.50 31.43 -6.34
C GLN B 86 21.12 30.44 -5.25
N HIS B 87 20.51 29.30 -5.61
CA HIS B 87 20.07 28.32 -4.63
C HIS B 87 20.30 26.91 -5.17
N ASP B 88 20.67 26.01 -4.27
CA ASP B 88 20.82 24.61 -4.61
C ASP B 88 19.45 23.94 -4.69
N VAL B 89 19.40 22.82 -5.41
CA VAL B 89 18.14 22.11 -5.58
C VAL B 89 17.61 21.63 -4.23
N GLN B 90 18.50 21.08 -3.38
CA GLN B 90 18.06 20.64 -2.07
C GLN B 90 17.50 21.79 -1.24
N GLU B 91 18.01 23.01 -1.47
CA GLU B 91 17.45 24.17 -0.79
C GLU B 91 16.00 24.40 -1.19
N LEU B 92 15.65 24.03 -2.42
CA LEU B 92 14.26 24.14 -2.86
C LEU B 92 13.42 22.98 -2.33
N CYS B 93 13.96 21.77 -2.39
CA CYS B 93 13.28 20.61 -1.82
C CYS B 93 12.90 20.86 -0.36
N ARG B 94 13.80 21.51 0.40
CA ARG B 94 13.52 21.79 1.80
C ARG B 94 12.41 22.83 1.95
N VAL B 95 12.42 23.88 1.12
CA VAL B 95 11.41 24.92 1.23
C VAL B 95 10.01 24.33 1.03
N LEU B 96 9.85 23.46 0.04
CA LEU B 96 8.54 22.86 -0.21
C LEU B 96 8.13 21.96 0.96
N LEU B 97 9.03 21.07 1.39
CA LEU B 97 8.68 20.12 2.44
C LEU B 97 8.44 20.83 3.77
N ASP B 98 9.22 21.87 4.07
CA ASP B 98 9.04 22.58 5.33
C ASP B 98 7.68 23.23 5.41
N ASN B 99 7.20 23.81 4.30
CA ASN B 99 5.90 24.46 4.31
C ASN B 99 4.77 23.45 4.48
N VAL B 100 4.84 22.33 3.77
CA VAL B 100 3.78 21.33 3.88
C VAL B 100 3.85 20.63 5.23
N GLU B 101 5.06 20.38 5.73
CA GLU B 101 5.19 19.76 7.04
C GLU B 101 4.60 20.64 8.13
N ASN B 102 4.86 21.95 8.05
CA ASN B 102 4.31 22.88 9.03
C ASN B 102 2.79 22.94 8.95
N LYS B 103 2.24 22.87 7.73
CA LYS B 103 0.79 22.92 7.56
C LYS B 103 0.09 21.65 8.01
N MET B 104 0.82 20.57 8.27
CA MET B 104 0.24 19.32 8.74
C MET B 104 0.31 19.16 10.24
N LYS B 105 0.90 20.11 10.96
CA LYS B 105 1.04 19.98 12.40
C LYS B 105 -0.33 19.94 13.06
N GLY B 106 -0.52 18.99 13.97
CA GLY B 106 -1.77 18.88 14.69
C GLY B 106 -2.90 18.27 13.90
N THR B 107 -2.67 17.91 12.64
CA THR B 107 -3.70 17.33 11.80
C THR B 107 -3.64 15.81 11.88
N CYS B 108 -4.34 15.13 10.98
CA CYS B 108 -4.31 13.67 10.93
C CYS B 108 -3.05 13.13 10.27
N VAL B 109 -2.34 13.95 9.49
CA VAL B 109 -1.21 13.49 8.70
C VAL B 109 0.10 14.15 9.16
N GLU B 110 0.12 14.69 10.38
CA GLU B 110 1.31 15.34 10.89
C GLU B 110 2.49 14.36 10.91
N GLY B 111 3.66 14.87 10.51
CA GLY B 111 4.87 14.06 10.49
C GLY B 111 5.04 13.16 9.29
N THR B 112 4.29 13.38 8.20
CA THR B 112 4.45 12.55 7.03
C THR B 112 5.80 12.82 6.34
N ILE B 113 6.24 14.07 6.33
CA ILE B 113 7.49 14.45 5.70
C ILE B 113 8.67 13.74 6.37
N PRO B 114 8.83 13.87 7.69
CA PRO B 114 9.94 13.16 8.35
C PRO B 114 9.89 11.66 8.18
N LYS B 115 8.70 11.07 8.07
CA LYS B 115 8.60 9.62 7.94
C LYS B 115 9.28 9.14 6.66
N LEU B 116 9.33 9.98 5.62
CA LEU B 116 9.86 9.57 4.33
C LEU B 116 11.24 10.12 4.05
N PHE B 117 11.54 11.36 4.44
CA PHE B 117 12.78 12.03 4.05
C PHE B 117 13.73 12.29 5.21
N ARG B 118 13.32 12.00 6.45
CA ARG B 118 14.12 12.34 7.61
C ARG B 118 15.01 11.18 8.01
N GLY B 119 16.29 11.47 8.26
CA GLY B 119 17.24 10.48 8.70
C GLY B 119 18.06 10.99 9.87
N LYS B 120 18.78 10.06 10.50
CA LYS B 120 19.57 10.37 11.69
C LYS B 120 21.04 10.05 11.43
N MET B 121 21.91 10.98 11.81
CA MET B 121 23.35 10.78 11.71
C MET B 121 24.00 11.31 12.97
N VAL B 122 25.26 10.89 13.19
CA VAL B 122 26.02 11.28 14.36
C VAL B 122 27.38 11.76 13.89
N SER B 123 27.69 13.02 14.21
CA SER B 123 29.01 13.60 13.93
C SER B 123 29.82 13.66 15.21
N TYR B 124 31.11 13.34 15.11
CA TYR B 124 31.97 13.23 16.27
C TYR B 124 33.33 13.83 15.96
N ILE B 125 34.14 13.98 17.00
CA ILE B 125 35.49 14.52 16.85
C ILE B 125 36.44 13.83 17.83
N ASP B 131 37.86 11.81 27.11
CA ASP B 131 38.75 12.80 26.50
C ASP B 131 38.00 13.68 25.51
N TYR B 132 37.63 13.11 24.36
CA TYR B 132 36.88 13.81 23.33
C TYR B 132 35.42 13.34 23.39
N ARG B 133 34.51 14.28 23.65
CA ARG B 133 33.10 13.95 23.78
C ARG B 133 32.26 14.60 22.69
N SER B 134 32.52 14.24 21.44
CA SER B 134 31.75 14.75 20.30
C SER B 134 30.92 13.67 19.64
N ASP B 135 31.00 12.43 20.10
CA ASP B 135 30.21 11.34 19.53
C ASP B 135 29.06 10.95 20.44
N ASP B 139 19.68 15.24 12.50
CA ASP B 139 18.74 14.81 11.48
C ASP B 139 19.10 15.43 10.12
N TYR B 140 18.84 14.68 9.05
CA TYR B 140 19.15 15.13 7.70
C TYR B 140 18.04 14.73 6.75
N TYR B 141 17.75 15.60 5.78
CA TYR B 141 16.76 15.32 4.76
C TYR B 141 17.36 15.08 3.38
N ASP B 142 18.53 15.65 3.09
CA ASP B 142 19.22 15.40 1.84
C ASP B 142 20.72 15.29 2.11
N ILE B 143 21.40 14.49 1.29
CA ILE B 143 22.83 14.21 1.46
C ILE B 143 23.57 14.71 0.23
N GLN B 144 24.59 15.55 0.46
CA GLN B 144 25.43 16.08 -0.60
C GLN B 144 26.69 15.22 -0.71
N LEU B 145 26.86 14.56 -1.84
CA LEU B 145 27.98 13.66 -2.07
C LEU B 145 29.05 14.32 -2.94
N SER B 146 30.30 13.93 -2.73
CA SER B 146 31.43 14.41 -3.50
C SER B 146 31.74 13.45 -4.65
N ILE B 147 32.05 14.02 -5.82
CA ILE B 147 32.27 13.24 -7.03
C ILE B 147 33.62 13.51 -7.66
N LYS B 148 34.40 14.45 -7.15
CA LYS B 148 35.73 14.70 -7.70
C LYS B 148 36.68 13.58 -7.31
N GLY B 149 37.23 12.89 -8.32
CA GLY B 149 38.10 11.76 -8.06
C GLY B 149 37.40 10.51 -7.58
N LYS B 150 36.07 10.49 -7.58
CA LYS B 150 35.31 9.33 -7.13
C LYS B 150 34.77 8.58 -8.33
N LYS B 151 34.94 7.25 -8.32
CA LYS B 151 34.55 6.45 -9.47
C LYS B 151 33.05 6.23 -9.52
N ASN B 152 32.44 5.89 -8.38
CA ASN B 152 31.01 5.58 -8.34
C ASN B 152 30.47 5.97 -6.96
N ILE B 153 29.19 5.66 -6.74
CA ILE B 153 28.55 6.00 -5.47
C ILE B 153 29.29 5.36 -4.30
N PHE B 154 29.84 4.16 -4.50
CA PHE B 154 30.54 3.47 -3.42
C PHE B 154 31.68 4.32 -2.89
N GLU B 155 32.53 4.85 -3.78
CA GLU B 155 33.63 5.69 -3.33
C GLU B 155 33.14 6.96 -2.66
N SER B 156 32.04 7.53 -3.14
CA SER B 156 31.52 8.75 -2.56
C SER B 156 31.07 8.52 -1.12
N PHE B 157 30.36 7.42 -0.86
CA PHE B 157 29.93 7.12 0.50
C PHE B 157 31.13 6.80 1.39
N VAL B 158 32.13 6.10 0.85
CA VAL B 158 33.31 5.76 1.65
C VAL B 158 34.02 7.03 2.10
N ASP B 159 34.16 8.01 1.20
CA ASP B 159 34.79 9.26 1.57
C ASP B 159 33.92 10.09 2.50
N TYR B 160 32.60 9.93 2.43
CA TYR B 160 31.71 10.69 3.29
C TYR B 160 31.89 10.30 4.75
N VAL B 161 31.99 9.00 5.03
CA VAL B 161 32.17 8.53 6.39
C VAL B 161 33.63 8.36 6.77
N ALA B 162 34.56 8.68 5.87
CA ALA B 162 35.97 8.55 6.18
C ALA B 162 36.36 9.50 7.32
N VAL B 163 37.29 9.04 8.15
CA VAL B 163 37.75 9.79 9.31
C VAL B 163 38.84 10.76 8.90
N GLU B 164 38.86 11.93 9.52
CA GLU B 164 39.86 12.96 9.28
C GLU B 164 40.73 13.14 10.52
N GLN B 165 42.04 13.27 10.30
CA GLN B 165 42.98 13.41 11.41
C GLN B 165 43.29 14.88 11.70
N GLU B 183 40.81 13.33 15.77
CA GLU B 183 40.17 12.95 14.51
C GLU B 183 38.67 13.17 14.56
N LYS B 184 38.10 13.65 13.47
CA LYS B 184 36.67 13.96 13.38
C LYS B 184 36.03 13.16 12.25
N GLY B 185 34.77 12.82 12.44
CA GLY B 185 34.05 12.05 11.44
C GLY B 185 32.56 12.06 11.70
N VAL B 186 31.85 11.25 10.91
CA VAL B 186 30.40 11.13 11.02
C VAL B 186 30.01 9.68 10.74
N LYS B 187 28.83 9.30 11.24
CA LYS B 187 28.29 7.97 11.04
C LYS B 187 26.80 8.09 10.71
N PHE B 188 26.30 7.11 9.96
CA PHE B 188 24.90 7.08 9.53
C PHE B 188 24.10 6.23 10.51
N LEU B 189 23.19 6.87 11.22
CA LEU B 189 22.34 6.15 12.17
C LEU B 189 21.18 5.45 11.45
N THR B 190 20.48 6.17 10.58
CA THR B 190 19.33 5.62 9.87
C THR B 190 19.28 6.19 8.46
N LEU B 191 18.56 5.49 7.59
CA LEU B 191 18.35 5.93 6.22
C LEU B 191 16.85 6.01 5.95
N PRO B 192 16.35 7.15 5.46
CA PRO B 192 14.91 7.32 5.29
C PRO B 192 14.38 6.43 4.18
N PRO B 193 13.06 6.26 4.10
CA PRO B 193 12.50 5.47 2.99
C PRO B 193 12.76 6.09 1.62
N VAL B 194 12.66 7.41 1.51
CA VAL B 194 12.94 8.13 0.26
C VAL B 194 14.26 8.86 0.44
N LEU B 195 15.22 8.57 -0.43
CA LEU B 195 16.57 9.09 -0.32
C LEU B 195 16.83 10.11 -1.42
N HIS B 196 17.27 11.31 -1.03
CA HIS B 196 17.64 12.36 -1.96
C HIS B 196 19.15 12.56 -1.90
N LEU B 197 19.83 12.30 -3.01
CA LEU B 197 21.29 12.40 -3.08
C LEU B 197 21.67 13.35 -4.19
N GLN B 198 22.25 14.49 -3.82
CA GLN B 198 22.73 15.48 -4.78
C GLN B 198 24.21 15.27 -5.03
N LEU B 199 24.61 15.36 -6.30
CA LEU B 199 26.00 15.17 -6.70
C LEU B 199 26.67 16.53 -6.81
N MET B 200 27.69 16.74 -5.98
CA MET B 200 28.43 18.01 -5.94
C MET B 200 29.22 18.19 -7.23
N ARG B 201 28.51 18.64 -8.27
CA ARG B 201 29.14 18.91 -9.56
C ARG B 201 29.37 20.40 -9.81
N PHE B 202 28.79 21.29 -9.00
CA PHE B 202 28.97 22.73 -9.13
C PHE B 202 29.84 23.19 -7.96
N MET B 203 31.14 23.00 -8.09
CA MET B 203 32.07 23.36 -7.03
C MET B 203 32.53 24.81 -7.13
N TYR B 204 33.80 25.06 -6.83
CA TYR B 204 34.35 26.42 -6.86
C TYR B 204 35.86 26.34 -6.97
N ASP B 205 36.43 27.11 -7.88
CA ASP B 205 37.87 27.15 -8.08
C ASP B 205 38.40 28.53 -7.69
N PRO B 206 39.21 28.64 -6.63
CA PRO B 206 39.73 29.98 -6.26
C PRO B 206 40.64 30.58 -7.32
N GLN B 207 41.33 29.74 -8.11
CA GLN B 207 42.17 30.27 -9.17
C GLN B 207 41.35 31.05 -10.19
N THR B 208 40.13 30.59 -10.47
CA THR B 208 39.23 31.28 -11.39
C THR B 208 38.22 32.16 -10.67
N ASP B 209 37.90 31.86 -9.41
CA ASP B 209 37.00 32.69 -8.60
C ASP B 209 35.56 32.56 -9.09
N GLN B 210 35.17 31.37 -9.54
CA GLN B 210 33.83 31.13 -10.05
C GLN B 210 33.51 29.65 -9.97
N ASN B 211 32.28 29.33 -9.58
CA ASN B 211 31.83 27.95 -9.59
C ASN B 211 31.81 27.42 -11.01
N ILE B 212 32.31 26.20 -11.20
CA ILE B 212 32.43 25.58 -12.51
C ILE B 212 31.87 24.17 -12.43
N LYS B 213 31.05 23.81 -13.41
CA LYS B 213 30.47 22.47 -13.47
C LYS B 213 31.53 21.45 -13.83
N ILE B 214 31.44 20.28 -13.20
CA ILE B 214 32.36 19.17 -13.44
C ILE B 214 31.62 18.09 -14.21
N ASN B 215 32.22 17.61 -15.30
CA ASN B 215 31.62 16.60 -16.16
C ASN B 215 32.38 15.28 -16.13
N ASP B 216 33.03 14.98 -15.01
CA ASP B 216 33.75 13.72 -14.89
C ASP B 216 32.76 12.55 -14.88
N ARG B 217 33.29 11.36 -15.13
CA ARG B 217 32.48 10.15 -15.16
C ARG B 217 32.17 9.69 -13.74
N PHE B 218 30.89 9.50 -13.44
CA PHE B 218 30.46 9.02 -12.13
C PHE B 218 29.35 7.99 -12.34
N GLU B 219 29.52 6.81 -11.75
CA GLU B 219 28.61 5.70 -11.95
C GLU B 219 27.74 5.48 -10.73
N PHE B 220 26.48 5.13 -10.97
CA PHE B 220 25.52 4.81 -9.91
C PHE B 220 24.68 3.62 -10.36
N PRO B 221 24.40 2.68 -9.46
CA PRO B 221 23.68 1.47 -9.86
C PRO B 221 22.17 1.61 -9.72
N GLU B 222 21.46 0.67 -10.37
CA GLU B 222 20.01 0.63 -10.25
C GLU B 222 19.58 0.20 -8.86
N GLN B 223 20.31 -0.73 -8.25
CA GLN B 223 20.08 -1.17 -6.88
C GLN B 223 21.34 -0.89 -6.06
N LEU B 224 21.17 -0.23 -4.91
CA LEU B 224 22.29 0.21 -4.09
C LEU B 224 22.12 -0.29 -2.66
N PRO B 225 22.96 -1.21 -2.20
CA PRO B 225 22.89 -1.63 -0.79
C PRO B 225 23.73 -0.73 0.10
N LEU B 226 23.11 -0.12 1.11
CA LEU B 226 23.80 0.83 1.97
C LEU B 226 23.93 0.34 3.41
N ASP B 227 23.81 -0.97 3.63
CA ASP B 227 23.97 -1.51 4.98
C ASP B 227 25.40 -1.35 5.49
N GLU B 228 26.38 -1.26 4.59
CA GLU B 228 27.78 -1.19 5.00
C GLU B 228 28.12 0.11 5.71
N PHE B 229 27.31 1.16 5.56
CA PHE B 229 27.61 2.46 6.12
C PHE B 229 26.75 2.79 7.34
N LEU B 230 25.97 1.85 7.84
CA LEU B 230 25.15 2.05 9.02
C LEU B 230 25.89 1.55 10.26
N GLN B 231 25.64 2.22 11.39
CA GLN B 231 26.30 1.83 12.64
C GLN B 231 25.81 0.47 13.11
N LYS B 232 24.50 0.25 13.09
CA LYS B 232 23.90 -1.02 13.49
C LYS B 232 22.92 -1.46 12.41
N THR B 233 23.23 -2.56 11.74
CA THR B 233 22.35 -3.08 10.71
C THR B 233 21.16 -3.80 11.35
N ASP B 234 20.12 -4.00 10.54
CA ASP B 234 18.91 -4.67 10.98
C ASP B 234 18.58 -5.76 9.98
N PRO B 235 18.79 -7.04 10.31
CA PRO B 235 18.46 -8.11 9.37
C PRO B 235 16.98 -8.17 9.02
N LYS B 236 16.11 -7.53 9.80
CA LYS B 236 14.69 -7.55 9.51
C LYS B 236 14.36 -6.71 8.27
N ASP B 237 15.07 -5.60 8.09
CA ASP B 237 14.86 -4.71 6.94
C ASP B 237 16.22 -4.21 6.47
N PRO B 238 16.75 -4.77 5.39
CA PRO B 238 18.06 -4.31 4.89
C PRO B 238 17.98 -2.89 4.36
N ALA B 239 19.15 -2.27 4.25
CA ALA B 239 19.27 -0.93 3.68
C ALA B 239 19.48 -1.02 2.17
N ASN B 240 18.48 -1.63 1.51
CA ASN B 240 18.49 -1.79 0.06
C ASN B 240 17.55 -0.76 -0.55
N TYR B 241 18.07 0.03 -1.49
CA TYR B 241 17.31 1.10 -2.11
C TYR B 241 17.25 0.88 -3.61
N ILE B 242 16.16 1.34 -4.22
CA ILE B 242 15.92 1.19 -5.65
C ILE B 242 15.92 2.57 -6.29
N LEU B 243 16.59 2.67 -7.44
CA LEU B 243 16.65 3.95 -8.13
C LEU B 243 15.28 4.32 -8.68
N HIS B 244 14.83 5.54 -8.37
CA HIS B 244 13.50 6.01 -8.75
C HIS B 244 13.55 7.15 -9.75
N ALA B 245 14.46 8.11 -9.58
CA ALA B 245 14.53 9.26 -10.47
C ALA B 245 15.97 9.69 -10.63
N VAL B 246 16.30 10.18 -11.82
CA VAL B 246 17.64 10.67 -12.14
C VAL B 246 17.47 12.04 -12.79
N LEU B 247 17.87 13.08 -12.07
CA LEU B 247 17.86 14.45 -12.60
C LEU B 247 19.19 14.75 -13.25
N VAL B 248 19.15 15.35 -14.45
CA VAL B 248 20.35 15.60 -15.24
C VAL B 248 20.35 17.05 -15.71
N HIS B 249 21.49 17.47 -16.24
CA HIS B 249 21.69 18.83 -16.71
C HIS B 249 22.89 18.84 -17.64
N SER B 250 22.83 19.69 -18.68
CA SER B 250 23.92 19.80 -19.63
C SER B 250 24.17 21.27 -19.95
N GLY B 251 25.39 21.73 -19.70
CA GLY B 251 25.77 23.10 -19.97
C GLY B 251 27.10 23.46 -19.35
N ASP B 252 27.80 24.44 -19.90
CA ASP B 252 29.10 24.85 -19.38
C ASP B 252 28.89 25.95 -18.33
N ASN B 253 28.49 25.51 -17.14
CA ASN B 253 28.36 26.32 -15.93
C ASN B 253 27.06 27.14 -15.88
N HIS B 254 26.28 27.20 -16.96
CA HIS B 254 25.12 28.09 -17.01
C HIS B 254 23.80 27.34 -16.94
N GLY B 255 23.54 26.42 -17.86
CA GLY B 255 22.28 25.70 -17.80
C GLY B 255 21.62 25.42 -19.14
N GLY B 256 21.26 24.16 -19.38
CA GLY B 256 20.60 23.78 -20.61
C GLY B 256 19.78 22.52 -20.46
N HIS B 257 18.53 22.57 -20.91
CA HIS B 257 17.52 21.55 -20.67
C HIS B 257 17.69 20.87 -19.32
N TYR B 258 16.90 21.27 -18.33
CA TYR B 258 16.79 20.52 -17.09
C TYR B 258 15.74 19.44 -17.31
N VAL B 259 16.19 18.20 -17.44
CA VAL B 259 15.30 17.07 -17.68
C VAL B 259 15.51 16.03 -16.59
N VAL B 260 14.47 15.23 -16.36
CA VAL B 260 14.47 14.21 -15.32
C VAL B 260 13.92 12.91 -15.88
N TYR B 261 14.50 11.79 -15.45
CA TYR B 261 14.06 10.47 -15.85
C TYR B 261 13.43 9.78 -14.65
N LEU B 262 12.33 9.08 -14.89
CA LEU B 262 11.54 8.52 -13.80
C LEU B 262 10.94 7.18 -14.21
N ASN B 263 10.82 6.28 -13.24
CA ASN B 263 10.01 5.07 -13.34
C ASN B 263 8.95 5.15 -12.24
N PRO B 264 7.80 5.75 -12.53
CA PRO B 264 6.85 6.06 -11.45
C PRO B 264 6.46 4.88 -10.59
N LYS B 265 6.34 3.69 -11.18
CA LYS B 265 5.93 2.50 -10.45
C LYS B 265 7.09 1.71 -9.89
N GLY B 266 8.33 2.11 -10.16
CA GLY B 266 9.47 1.38 -9.66
C GLY B 266 9.69 0.03 -10.28
N ASP B 267 9.16 -0.20 -11.48
CA ASP B 267 9.25 -1.50 -12.14
C ASP B 267 10.35 -1.58 -13.19
N GLY B 268 11.15 -0.53 -13.34
CA GLY B 268 12.20 -0.50 -14.33
C GLY B 268 11.79 0.07 -15.68
N LYS B 269 10.53 0.47 -15.84
CA LYS B 269 10.06 1.11 -17.06
C LYS B 269 10.24 2.61 -16.92
N TRP B 270 11.22 3.17 -17.62
CA TRP B 270 11.60 4.56 -17.44
C TRP B 270 10.89 5.46 -18.45
N CYS B 271 10.86 6.75 -18.13
CA CYS B 271 10.25 7.76 -18.98
C CYS B 271 11.02 9.07 -18.79
N LYS B 272 11.08 9.86 -19.86
CA LYS B 272 11.75 11.14 -19.84
C LYS B 272 10.72 12.26 -19.71
N PHE B 273 11.08 13.30 -18.96
CA PHE B 273 10.20 14.43 -18.67
C PHE B 273 10.91 15.70 -19.11
N ASP B 274 10.81 16.01 -20.41
CA ASP B 274 11.40 17.22 -20.98
C ASP B 274 10.39 18.36 -20.88
N ASP B 275 10.16 18.81 -19.64
CA ASP B 275 9.17 19.84 -19.37
C ASP B 275 7.78 19.38 -19.81
N ASP B 276 7.29 19.93 -20.91
CA ASP B 276 5.97 19.59 -21.42
C ASP B 276 5.97 18.37 -22.33
N VAL B 277 7.13 17.77 -22.57
CA VAL B 277 7.27 16.62 -23.46
C VAL B 277 7.65 15.41 -22.61
N VAL B 278 6.70 14.49 -22.43
CA VAL B 278 6.93 13.25 -21.69
C VAL B 278 6.96 12.11 -22.70
N SER B 279 7.96 11.24 -22.59
CA SER B 279 8.11 10.15 -23.54
C SER B 279 8.86 9.00 -22.88
N ARG B 280 8.60 7.80 -23.38
CA ARG B 280 9.28 6.61 -22.89
C ARG B 280 10.76 6.63 -23.29
N CYS B 281 11.57 5.85 -22.57
CA CYS B 281 12.98 5.75 -22.86
C CYS B 281 13.52 4.46 -22.25
N THR B 282 14.69 4.05 -22.72
CA THR B 282 15.32 2.84 -22.24
C THR B 282 16.06 3.08 -20.93
N LYS B 283 16.20 2.01 -20.14
CA LYS B 283 16.92 2.12 -18.88
C LYS B 283 18.36 2.57 -19.11
N GLU B 284 18.97 2.17 -20.22
CA GLU B 284 20.34 2.59 -20.52
C GLU B 284 20.41 4.09 -20.75
N GLU B 285 19.44 4.65 -21.47
CA GLU B 285 19.44 6.09 -21.73
C GLU B 285 19.26 6.89 -20.46
N ALA B 286 18.57 6.34 -19.46
CA ALA B 286 18.31 7.06 -18.22
C ALA B 286 19.40 6.87 -17.18
N ILE B 287 20.15 5.78 -17.23
CA ILE B 287 21.16 5.48 -16.22
C ILE B 287 22.56 5.63 -16.80
N GLU B 288 23.00 4.63 -17.57
CA GLU B 288 24.37 4.63 -18.06
C GLU B 288 24.66 5.84 -18.95
N HIS B 289 23.66 6.28 -19.72
CA HIS B 289 23.86 7.42 -20.60
C HIS B 289 24.06 8.72 -19.85
N ASN B 290 23.80 8.75 -18.55
CA ASN B 290 23.96 9.95 -17.74
C ASN B 290 25.13 9.85 -16.76
N TYR B 291 25.97 8.81 -16.89
CA TYR B 291 27.13 8.71 -16.02
C TYR B 291 28.08 9.89 -16.21
N GLY B 292 28.13 10.46 -17.41
CA GLY B 292 29.04 11.56 -17.68
C GLY B 292 30.33 11.09 -18.31
N GLY B 293 31.40 11.86 -18.11
CA GLY B 293 32.69 11.51 -18.66
C GLY B 293 33.30 12.61 -19.51
N HIS B 302 26.95 14.03 -26.11
CA HIS B 302 27.04 13.84 -24.67
C HIS B 302 27.39 15.14 -23.96
N CYS B 303 28.16 15.02 -22.88
CA CYS B 303 28.54 16.14 -22.02
C CYS B 303 27.42 16.49 -21.04
N THR B 304 26.37 15.67 -20.98
CA THR B 304 25.30 15.83 -20.01
C THR B 304 25.46 14.79 -18.91
N ASN B 305 25.16 15.20 -17.67
CA ASN B 305 25.34 14.32 -16.52
C ASN B 305 24.31 14.66 -15.46
N ALA B 306 23.99 13.67 -14.64
CA ALA B 306 23.03 13.82 -13.57
C ALA B 306 23.61 14.60 -12.40
N TYR B 307 22.73 15.25 -11.64
CA TYR B 307 23.13 16.02 -10.47
C TYR B 307 22.37 15.66 -9.21
N MET B 308 21.33 14.84 -9.29
CA MET B 308 20.60 14.41 -8.10
C MET B 308 19.88 13.10 -8.40
N LEU B 309 19.84 12.21 -7.43
CA LEU B 309 19.21 10.90 -7.57
C LEU B 309 18.22 10.68 -6.43
N VAL B 310 17.18 9.91 -6.72
CA VAL B 310 16.14 9.58 -5.74
C VAL B 310 16.08 8.06 -5.60
N TYR B 311 16.17 7.58 -4.37
CA TYR B 311 16.15 6.16 -4.06
C TYR B 311 15.04 5.88 -3.06
N ILE B 312 14.41 4.71 -3.21
CA ILE B 312 13.34 4.28 -2.33
C ILE B 312 13.72 2.96 -1.67
N ARG B 313 13.41 2.85 -0.39
CA ARG B 313 13.72 1.64 0.36
C ARG B 313 12.99 0.44 -0.25
N GLU B 314 13.74 -0.64 -0.49
CA GLU B 314 13.12 -1.83 -1.07
C GLU B 314 12.00 -2.35 -0.17
N SER B 315 12.20 -2.31 1.14
CA SER B 315 11.19 -2.82 2.07
C SER B 315 9.96 -1.94 2.10
N LYS B 316 10.12 -0.63 1.88
CA LYS B 316 9.01 0.31 1.90
C LYS B 316 8.65 0.83 0.52
N LEU B 317 9.11 0.13 -0.53
CA LEU B 317 8.83 0.59 -1.90
C LEU B 317 7.34 0.58 -2.19
N SER B 318 6.64 -0.49 -1.78
CA SER B 318 5.20 -0.56 -2.01
C SER B 318 4.46 0.48 -1.18
N GLU B 319 4.94 0.78 0.03
CA GLU B 319 4.26 1.76 0.87
C GLU B 319 4.40 3.17 0.30
N VAL B 320 5.60 3.52 -0.18
CA VAL B 320 5.81 4.87 -0.72
C VAL B 320 5.06 5.04 -2.04
N LEU B 321 5.15 4.05 -2.93
CA LEU B 321 4.51 4.11 -4.24
C LEU B 321 3.12 3.52 -4.25
N GLN B 322 2.41 3.58 -3.13
CA GLN B 322 1.07 3.02 -3.06
C GLN B 322 0.16 3.69 -4.07
N ALA B 323 -0.86 2.96 -4.50
CA ALA B 323 -1.78 3.48 -5.51
C ALA B 323 -2.62 4.60 -4.91
N VAL B 324 -2.78 5.66 -5.68
CA VAL B 324 -3.62 6.80 -5.31
C VAL B 324 -4.50 7.14 -6.49
N THR B 325 -5.81 7.21 -6.26
CA THR B 325 -6.77 7.50 -7.30
C THR B 325 -7.45 8.85 -7.03
N ASP B 326 -8.32 9.24 -7.96
CA ASP B 326 -9.04 10.50 -7.81
C ASP B 326 -9.93 10.52 -6.57
N HIS B 327 -10.18 9.37 -5.95
CA HIS B 327 -10.97 9.31 -4.73
C HIS B 327 -10.16 9.65 -3.49
N ASP B 328 -8.85 9.79 -3.61
CA ASP B 328 -7.99 10.13 -2.48
C ASP B 328 -7.87 11.63 -2.25
N ILE B 329 -8.69 12.43 -2.92
CA ILE B 329 -8.66 13.89 -2.79
C ILE B 329 -9.99 14.33 -2.19
N PRO B 330 -10.00 15.15 -1.15
CA PRO B 330 -11.28 15.59 -0.56
C PRO B 330 -12.13 16.34 -1.57
N GLN B 331 -13.46 16.17 -1.44
CA GLN B 331 -14.38 16.81 -2.35
C GLN B 331 -14.33 18.33 -2.22
N GLN B 332 -14.07 18.84 -1.02
CA GLN B 332 -14.01 20.29 -0.83
C GLN B 332 -12.87 20.91 -1.64
N LEU B 333 -11.70 20.25 -1.67
CA LEU B 333 -10.58 20.78 -2.43
C LEU B 333 -10.85 20.73 -3.93
N VAL B 334 -11.48 19.66 -4.40
CA VAL B 334 -11.76 19.54 -5.83
C VAL B 334 -12.64 20.69 -6.30
N GLU B 335 -13.63 21.07 -5.50
CA GLU B 335 -14.53 22.16 -5.87
C GLU B 335 -13.76 23.48 -5.96
N ARG B 336 -12.94 23.77 -4.95
CA ARG B 336 -12.15 25.00 -4.99
C ARG B 336 -11.21 25.02 -6.18
N LEU B 337 -10.64 23.87 -6.53
CA LEU B 337 -9.74 23.81 -7.68
C LEU B 337 -10.50 23.96 -8.99
N GLN B 338 -11.65 23.31 -9.11
CA GLN B 338 -12.44 23.43 -10.33
C GLN B 338 -12.94 24.86 -10.52
N GLU B 339 -13.37 25.52 -9.44
CA GLU B 339 -13.84 26.89 -9.55
C GLU B 339 -12.73 27.83 -10.02
N GLU B 340 -11.49 27.58 -9.61
CA GLU B 340 -10.38 28.42 -10.05
C GLU B 340 -10.06 28.21 -11.52
N LYS B 341 -10.07 26.96 -11.98
CA LYS B 341 -9.79 26.68 -13.39
C LYS B 341 -10.81 27.36 -14.31
N ARG B 342 -12.09 27.30 -13.94
CA ARG B 342 -13.09 27.96 -14.76
C ARG B 342 -12.88 29.46 -14.81
N ILE B 343 -12.59 30.08 -13.65
CA ILE B 343 -12.32 31.52 -13.63
C ILE B 343 -11.14 31.86 -14.52
N GLU B 344 -10.18 30.94 -14.65
CA GLU B 344 -9.01 31.16 -15.49
C GLU B 344 -9.41 31.23 -16.97
#